data_9S27
#
_entry.id   9S27
#
_cell.length_a   97.102
_cell.length_b   97.102
_cell.length_c   203.673
_cell.angle_alpha   90.00
_cell.angle_beta   90.00
_cell.angle_gamma   120.00
#
_symmetry.space_group_name_H-M   'H 3 2'
#
loop_
_entity.id
_entity.type
_entity.pdbx_description
1 polymer 'NAD-dependent protein deacetylase sirtuin-3, mitochondrial'
2 polymer 'TNFa-derived lysine triazole dodecyl inhibitor'
3 non-polymer 'ZINC ION'
4 non-polymer (R,R)-2,3-BUTANEDIOL
5 non-polymer '[[(2~{R},3~{S},4~{R},5~{R})-5-(6-aminopurin-9-yl)-3,4-bis(oxidanyl)oxolan-2-yl]methoxy-oxidanyl-phosphoryl] [(2~{R},3~{S},4~{R},5~{S})-5-(5-dodecyl-3-propyl-1,2,3$l^{4}-triazacyclopenta-2,4-dien-1-yl)-3,4-bis(oxidanyl)oxolan-2-yl]methyl hydrogen phosphate'
6 water water
#
loop_
_entity_poly.entity_id
_entity_poly.type
_entity_poly.pdbx_seq_one_letter_code
_entity_poly.pdbx_strand_id
1 'polypeptide(L)'
;GHMSDKGKLSLQDVAELIRARACQRVVVMVGAGISTPSGIPDFRSPGSGLYSNLQQYDLPYPEAIFELPFFFHNPKPFFT
LAKELYPGNYKPNVTHYFLRLLHDKGLLLRLYTQNIDGLERVSGIPASKLVEAHGTFASATCTVCQRPFPGEDIRADVMA
DRVPRCPVCTGVVKPDIVFFGEPLPQRFLLHVVDFPMADLLLILGTSLEVEPFASLTEAVRSSVPRLLINRDLVGPLAWH
PRSRDVAQLGDVVHGVESLVELLGWTEEMRDLVQRETGKLD
;
A
2 'polypeptide(L)' EALPKATGG B
#
# COMPACT_ATOMS: atom_id res chain seq x y z
N LYS A 8 0.60 -21.92 -19.69
CA LYS A 8 0.47 -20.85 -18.69
C LYS A 8 -0.98 -20.59 -18.29
N LEU A 9 -1.16 -19.99 -17.10
CA LEU A 9 -2.47 -19.58 -16.65
C LEU A 9 -2.84 -18.21 -17.23
N SER A 10 -4.13 -18.01 -17.47
CA SER A 10 -4.66 -16.74 -17.94
C SER A 10 -5.43 -16.07 -16.80
N LEU A 11 -5.85 -14.82 -17.05
CA LEU A 11 -6.75 -14.14 -16.12
C LEU A 11 -8.07 -14.90 -16.01
N GLN A 12 -8.57 -15.45 -17.12
CA GLN A 12 -9.82 -16.21 -17.06
C GLN A 12 -9.66 -17.45 -16.18
N ASP A 13 -8.48 -18.09 -16.25
CA ASP A 13 -8.21 -19.23 -15.38
C ASP A 13 -8.29 -18.82 -13.91
N VAL A 14 -7.72 -17.66 -13.56
CA VAL A 14 -7.79 -17.24 -12.16
C VAL A 14 -9.22 -16.97 -11.74
N ALA A 15 -9.99 -16.30 -12.62
CA ALA A 15 -11.39 -16.06 -12.31
C ALA A 15 -12.15 -17.36 -12.10
N GLU A 16 -11.87 -18.37 -12.93
CA GLU A 16 -12.54 -19.66 -12.77
C GLU A 16 -12.12 -20.37 -11.50
N LEU A 17 -10.86 -20.22 -11.09
CA LEU A 17 -10.42 -20.81 -9.82
C LEU A 17 -11.17 -20.18 -8.65
N ILE A 18 -11.35 -18.85 -8.69
CA ILE A 18 -12.11 -18.19 -7.63
C ILE A 18 -13.57 -18.63 -7.65
N ARG A 19 -14.18 -18.66 -8.84
CA ARG A 19 -15.61 -18.98 -8.92
C ARG A 19 -15.89 -20.40 -8.45
N ALA A 20 -14.99 -21.34 -8.74
CA ALA A 20 -15.12 -22.71 -8.26
C ALA A 20 -14.77 -22.85 -6.78
N ARG A 21 -14.32 -21.76 -6.15
CA ARG A 21 -13.82 -21.76 -4.78
C ARG A 21 -12.67 -22.75 -4.59
N ALA A 22 -11.87 -22.96 -5.65
CA ALA A 22 -10.58 -23.59 -5.47
C ALA A 22 -9.59 -22.63 -4.79
N CYS A 23 -9.76 -21.33 -5.02
CA CYS A 23 -9.08 -20.28 -4.27
C CYS A 23 -10.09 -19.64 -3.32
N GLN A 24 -9.87 -19.80 -2.00
CA GLN A 24 -10.74 -19.27 -0.97
C GLN A 24 -10.04 -18.35 0.01
N ARG A 25 -8.74 -18.13 -0.15
CA ARG A 25 -7.92 -17.52 0.89
C ARG A 25 -6.90 -16.61 0.19
N VAL A 26 -7.33 -15.39 -0.17
CA VAL A 26 -6.55 -14.50 -1.04
C VAL A 26 -5.75 -13.52 -0.20
N VAL A 27 -4.44 -13.44 -0.40
CA VAL A 27 -3.63 -12.37 0.18
CA VAL A 27 -3.63 -12.37 0.18
C VAL A 27 -3.33 -11.35 -0.91
N VAL A 28 -3.36 -10.08 -0.53
CA VAL A 28 -3.20 -8.97 -1.47
C VAL A 28 -2.05 -8.09 -1.02
N MET A 29 -1.23 -7.66 -1.98
CA MET A 29 -0.15 -6.69 -1.76
C MET A 29 -0.38 -5.51 -2.70
N VAL A 30 -0.44 -4.30 -2.15
CA VAL A 30 -0.68 -3.12 -3.00
C VAL A 30 0.35 -2.04 -2.72
N GLY A 31 0.51 -1.15 -3.72
CA GLY A 31 1.31 0.03 -3.57
C GLY A 31 0.67 1.25 -4.19
N ALA A 32 1.47 2.28 -4.43
CA ALA A 32 0.93 3.59 -4.79
C ALA A 32 0.23 3.60 -6.13
N GLY A 33 0.49 2.62 -6.99
CA GLY A 33 -0.22 2.57 -8.25
C GLY A 33 -1.72 2.38 -8.10
N ILE A 34 -2.18 1.81 -6.97
CA ILE A 34 -3.63 1.69 -6.83
C ILE A 34 -4.29 3.00 -6.45
N SER A 35 -3.53 4.05 -6.13
CA SER A 35 -4.13 5.33 -5.78
C SER A 35 -3.85 6.45 -6.76
N THR A 36 -3.07 6.21 -7.83
CA THR A 36 -3.02 7.19 -8.89
C THR A 36 -4.38 7.41 -9.57
N PRO A 37 -5.27 6.41 -9.72
CA PRO A 37 -6.60 6.73 -10.26
C PRO A 37 -7.43 7.61 -9.34
N SER A 38 -7.04 7.77 -8.08
CA SER A 38 -7.67 8.69 -7.15
C SER A 38 -7.05 10.08 -7.17
N GLY A 39 -5.99 10.30 -7.93
CA GLY A 39 -5.36 11.60 -8.03
C GLY A 39 -4.10 11.79 -7.21
N ILE A 40 -3.59 10.74 -6.59
CA ILE A 40 -2.39 10.81 -5.75
C ILE A 40 -1.22 10.29 -6.57
N PRO A 41 -0.14 11.06 -6.74
CA PRO A 41 0.98 10.56 -7.55
C PRO A 41 1.68 9.41 -6.85
N ASP A 42 2.28 8.53 -7.65
CA ASP A 42 3.13 7.51 -7.06
C ASP A 42 4.54 8.09 -6.90
N PHE A 43 5.52 7.22 -6.66
CA PHE A 43 6.88 7.67 -6.43
C PHE A 43 7.78 7.56 -7.66
N ARG A 44 7.65 6.49 -8.44
CA ARG A 44 8.65 6.18 -9.44
C ARG A 44 8.17 6.34 -10.89
N SER A 45 6.90 6.68 -11.14
CA SER A 45 6.47 6.82 -12.53
C SER A 45 7.27 7.93 -13.22
N PRO A 46 7.69 7.72 -14.46
CA PRO A 46 8.32 8.80 -15.23
C PRO A 46 7.43 10.02 -15.31
N GLY A 47 8.04 11.19 -15.15
CA GLY A 47 7.33 12.44 -15.31
C GLY A 47 6.51 12.84 -14.10
N SER A 48 5.57 11.97 -13.70
CA SER A 48 4.60 12.32 -12.65
C SER A 48 4.97 11.81 -11.27
N GLY A 49 5.89 10.86 -11.15
CA GLY A 49 6.22 10.33 -9.84
C GLY A 49 6.87 11.36 -8.93
N LEU A 50 6.69 11.16 -7.62
CA LEU A 50 7.20 12.12 -6.64
C LEU A 50 8.70 12.37 -6.80
N TYR A 51 9.48 11.32 -7.04
CA TYR A 51 10.92 11.48 -7.11
C TYR A 51 11.36 12.34 -8.30
N SER A 52 10.50 12.55 -9.29
CA SER A 52 10.82 13.44 -10.39
C SER A 52 10.32 14.86 -10.17
N ASN A 53 9.78 15.18 -8.99
CA ASN A 53 9.11 16.45 -8.78
C ASN A 53 9.44 17.04 -7.41
N LEU A 54 10.66 16.81 -6.92
CA LEU A 54 11.08 17.35 -5.64
C LEU A 54 12.16 18.43 -5.76
N GLN A 55 12.34 18.99 -6.96
CA GLN A 55 13.43 19.94 -7.17
C GLN A 55 13.30 21.19 -6.31
N GLN A 56 12.07 21.63 -6.04
CA GLN A 56 11.87 22.87 -5.29
C GLN A 56 12.07 22.70 -3.79
N TYR A 57 12.22 21.47 -3.30
CA TYR A 57 12.44 21.23 -1.89
C TYR A 57 13.92 21.32 -1.55
N ASP A 58 14.22 21.62 -0.29
CA ASP A 58 15.59 21.85 0.17
C ASP A 58 16.23 20.52 0.54
N LEU A 59 16.60 19.76 -0.49
CA LEU A 59 17.07 18.39 -0.34
C LEU A 59 18.45 18.21 -0.94
N PRO A 60 19.29 17.34 -0.34
CA PRO A 60 20.55 16.98 -1.01
C PRO A 60 20.35 16.05 -2.19
N TYR A 61 19.33 15.21 -2.14
CA TYR A 61 18.90 14.34 -3.22
C TYR A 61 17.44 13.98 -2.95
N PRO A 62 16.68 13.58 -3.96
CA PRO A 62 15.22 13.44 -3.75
C PRO A 62 14.83 12.47 -2.65
N GLU A 63 15.46 11.28 -2.65
CA GLU A 63 15.04 10.25 -1.71
C GLU A 63 15.23 10.67 -0.26
N ALA A 64 16.07 11.67 -0.01
CA ALA A 64 16.36 12.09 1.36
C ALA A 64 15.09 12.50 2.09
N ILE A 65 14.06 12.94 1.36
CA ILE A 65 12.89 13.45 2.06
C ILE A 65 12.16 12.34 2.83
N PHE A 66 12.41 11.07 2.50
CA PHE A 66 11.73 9.99 3.20
C PHE A 66 12.69 9.13 4.02
N GLU A 67 13.88 9.65 4.31
CA GLU A 67 14.90 8.91 5.05
C GLU A 67 14.93 9.42 6.48
N LEU A 68 14.95 8.49 7.44
CA LEU A 68 14.91 8.89 8.85
C LEU A 68 16.11 9.73 9.28
N PRO A 69 17.37 9.40 8.94
CA PRO A 69 18.47 10.26 9.37
C PRO A 69 18.33 11.69 8.85
N PHE A 70 17.90 11.86 7.59
CA PHE A 70 17.69 13.22 7.11
C PHE A 70 16.56 13.90 7.86
N PHE A 71 15.48 13.18 8.18
CA PHE A 71 14.39 13.79 8.94
C PHE A 71 14.90 14.33 10.27
N PHE A 72 15.76 13.57 10.95
CA PHE A 72 16.32 14.07 12.20
C PHE A 72 17.21 15.28 11.94
N HIS A 73 17.90 15.30 10.81
CA HIS A 73 18.75 16.46 10.48
C HIS A 73 17.90 17.70 10.20
N ASN A 74 16.86 17.58 9.38
CA ASN A 74 16.05 18.71 8.95
C ASN A 74 14.68 18.20 8.57
N PRO A 75 13.68 18.33 9.46
CA PRO A 75 12.35 17.80 9.16
C PRO A 75 11.48 18.71 8.31
N LYS A 76 11.96 19.91 7.98
CA LYS A 76 11.09 20.90 7.34
C LYS A 76 10.69 20.51 5.92
N PRO A 77 11.59 19.97 5.08
CA PRO A 77 11.13 19.53 3.75
C PRO A 77 10.01 18.49 3.81
N PHE A 78 10.12 17.50 4.70
CA PHE A 78 9.05 16.52 4.82
C PHE A 78 7.71 17.17 5.16
N PHE A 79 7.70 18.07 6.15
CA PHE A 79 6.42 18.66 6.54
C PHE A 79 5.88 19.62 5.47
N THR A 80 6.77 20.27 4.74
CA THR A 80 6.34 21.06 3.57
C THR A 80 5.61 20.18 2.57
N LEU A 81 6.15 19.00 2.29
CA LEU A 81 5.47 18.09 1.37
C LEU A 81 4.15 17.59 1.95
N ALA A 82 4.12 17.28 3.25
CA ALA A 82 2.89 16.77 3.87
C ALA A 82 1.75 17.79 3.77
N LYS A 83 2.11 19.07 3.87
CA LYS A 83 1.12 20.16 3.74
C LYS A 83 0.39 20.11 2.40
N GLU A 84 0.95 19.43 1.40
CA GLU A 84 0.31 19.33 0.10
C GLU A 84 -0.63 18.14 0.01
N LEU A 85 -0.47 17.13 0.86
CA LEU A 85 -1.37 15.99 0.89
C LEU A 85 -2.55 16.20 1.84
N TYR A 86 -2.33 16.87 2.98
CA TYR A 86 -3.41 17.06 3.95
C TYR A 86 -4.69 17.65 3.34
N PRO A 87 -4.65 18.73 2.55
CA PRO A 87 -5.91 19.36 2.12
C PRO A 87 -6.68 18.55 1.10
N GLY A 88 -6.02 17.72 0.30
CA GLY A 88 -6.72 17.03 -0.78
C GLY A 88 -7.80 16.10 -0.23
N ASN A 89 -8.94 16.09 -0.89
CA ASN A 89 -10.05 15.21 -0.50
C ASN A 89 -10.12 14.02 -1.45
N TYR A 90 -9.08 13.20 -1.38
CA TYR A 90 -9.01 12.01 -2.21
C TYR A 90 -10.01 10.97 -1.74
N LYS A 91 -10.55 10.20 -2.68
CA LYS A 91 -11.52 9.17 -2.40
C LYS A 91 -11.02 7.84 -2.94
N PRO A 92 -11.48 6.72 -2.40
CA PRO A 92 -11.11 5.42 -2.98
C PRO A 92 -11.63 5.30 -4.41
N ASN A 93 -10.99 4.42 -5.18
CA ASN A 93 -11.46 4.17 -6.54
C ASN A 93 -11.88 2.70 -6.64
N VAL A 94 -12.18 2.27 -7.87
CA VAL A 94 -12.71 0.92 -8.10
C VAL A 94 -11.77 -0.15 -7.56
N THR A 95 -10.46 0.09 -7.57
CA THR A 95 -9.53 -0.92 -7.08
CA THR A 95 -9.53 -0.93 -7.07
C THR A 95 -9.75 -1.20 -5.58
N HIS A 96 -9.88 -0.12 -4.79
CA HIS A 96 -10.15 -0.27 -3.36
C HIS A 96 -11.46 -1.02 -3.11
N TYR A 97 -12.52 -0.61 -3.83
CA TYR A 97 -13.82 -1.25 -3.63
C TYR A 97 -13.79 -2.72 -4.05
N PHE A 98 -13.00 -3.07 -5.06
CA PHE A 98 -12.85 -4.49 -5.39
C PHE A 98 -12.25 -5.28 -4.23
N LEU A 99 -11.26 -4.68 -3.53
CA LEU A 99 -10.71 -5.41 -2.39
C LEU A 99 -11.74 -5.56 -1.26
N ARG A 100 -12.58 -4.53 -1.07
CA ARG A 100 -13.68 -4.66 -0.11
C ARG A 100 -14.66 -5.74 -0.53
N LEU A 101 -14.93 -5.86 -1.83
CA LEU A 101 -15.82 -6.92 -2.32
C LEU A 101 -15.23 -8.29 -2.02
N LEU A 102 -13.91 -8.44 -2.17
CA LEU A 102 -13.28 -9.69 -1.76
C LEU A 102 -13.61 -10.02 -0.31
N HIS A 103 -13.57 -9.00 0.56
CA HIS A 103 -13.92 -9.26 1.96
C HIS A 103 -15.40 -9.65 2.12
N ASP A 104 -16.30 -8.93 1.44
CA ASP A 104 -17.73 -9.23 1.51
C ASP A 104 -18.05 -10.64 1.03
N LYS A 105 -17.22 -11.22 0.18
CA LYS A 105 -17.42 -12.58 -0.30
C LYS A 105 -16.70 -13.61 0.56
N GLY A 106 -16.02 -13.17 1.62
CA GLY A 106 -15.31 -14.08 2.52
C GLY A 106 -14.02 -14.62 1.96
N LEU A 107 -13.41 -13.92 1.00
CA LEU A 107 -12.21 -14.42 0.33
CA LEU A 107 -12.21 -14.42 0.33
C LEU A 107 -10.93 -13.70 0.73
N LEU A 108 -11.01 -12.60 1.48
CA LEU A 108 -9.81 -11.82 1.79
C LEU A 108 -9.15 -12.35 3.05
N LEU A 109 -7.94 -12.90 2.93
CA LEU A 109 -7.18 -13.32 4.11
C LEU A 109 -6.53 -12.11 4.77
N ARG A 110 -5.86 -11.28 3.98
CA ARG A 110 -5.21 -10.09 4.50
C ARG A 110 -4.82 -9.18 3.34
N LEU A 111 -4.93 -7.86 3.55
CA LEU A 111 -4.48 -6.85 2.59
C LEU A 111 -3.24 -6.15 3.17
N TYR A 112 -2.08 -6.38 2.55
CA TYR A 112 -0.83 -5.71 2.92
C TYR A 112 -0.64 -4.50 2.02
N THR A 113 -0.54 -3.30 2.60
CA THR A 113 -0.38 -2.10 1.80
C THR A 113 0.88 -1.33 2.17
N GLN A 114 1.51 -0.74 1.16
CA GLN A 114 2.58 0.23 1.36
C GLN A 114 2.06 1.65 1.46
N ASN A 115 0.78 1.87 1.17
CA ASN A 115 0.29 3.22 1.01
C ASN A 115 0.06 3.86 2.37
N ILE A 116 0.16 5.18 2.39
CA ILE A 116 -0.11 5.92 3.62
C ILE A 116 -1.30 6.86 3.46
N ASP A 117 -2.08 6.68 2.39
CA ASP A 117 -3.19 7.57 2.09
C ASP A 117 -4.45 7.24 2.88
N GLY A 118 -4.50 6.10 3.58
CA GLY A 118 -5.65 5.74 4.37
C GLY A 118 -6.85 5.26 3.61
N LEU A 119 -6.74 5.08 2.28
CA LEU A 119 -7.94 4.80 1.49
C LEU A 119 -8.46 3.37 1.67
N GLU A 120 -7.61 2.42 2.09
CA GLU A 120 -8.12 1.08 2.37
C GLU A 120 -9.16 1.14 3.49
N ARG A 121 -8.83 1.84 4.57
CA ARG A 121 -9.80 2.01 5.66
C ARG A 121 -11.04 2.77 5.19
N VAL A 122 -10.85 3.82 4.38
CA VAL A 122 -12.01 4.60 3.94
C VAL A 122 -12.96 3.73 3.11
N SER A 123 -12.40 2.85 2.26
CA SER A 123 -13.22 1.98 1.41
C SER A 123 -13.95 0.89 2.19
N GLY A 124 -13.65 0.73 3.48
CA GLY A 124 -14.35 -0.23 4.32
C GLY A 124 -13.57 -1.49 4.68
N ILE A 125 -12.28 -1.57 4.41
CA ILE A 125 -11.55 -2.75 4.85
C ILE A 125 -11.42 -2.70 6.38
N PRO A 126 -11.83 -3.73 7.10
CA PRO A 126 -11.72 -3.68 8.56
C PRO A 126 -10.26 -3.76 9.01
N ALA A 127 -9.99 -3.15 10.17
CA ALA A 127 -8.60 -3.01 10.63
C ALA A 127 -7.91 -4.36 10.74
N SER A 128 -8.61 -5.39 11.24
CA SER A 128 -7.91 -6.66 11.45
C SER A 128 -7.54 -7.35 10.13
N LYS A 129 -8.18 -7.02 9.01
CA LYS A 129 -7.83 -7.58 7.71
C LYS A 129 -6.73 -6.79 7.02
N LEU A 130 -6.26 -5.71 7.61
CA LEU A 130 -5.39 -4.75 6.95
C LEU A 130 -4.04 -4.66 7.67
N VAL A 131 -2.95 -4.69 6.91
CA VAL A 131 -1.63 -4.42 7.43
C VAL A 131 -1.07 -3.21 6.69
N GLU A 132 -1.05 -2.06 7.38
CA GLU A 132 -0.41 -0.84 6.87
C GLU A 132 1.09 -0.97 7.14
N ALA A 133 1.77 -1.61 6.20
CA ALA A 133 3.13 -2.05 6.46
C ALA A 133 4.09 -0.89 6.64
N HIS A 134 3.78 0.28 6.09
CA HIS A 134 4.65 1.45 6.23
C HIS A 134 3.97 2.54 7.05
N GLY A 135 3.03 2.14 7.89
CA GLY A 135 2.50 3.04 8.90
C GLY A 135 1.37 3.93 8.41
N THR A 136 1.19 5.04 9.12
CA THR A 136 -0.01 5.84 8.99
C THR A 136 0.22 7.27 9.45
N PHE A 137 -0.54 8.20 8.85
CA PHE A 137 -0.65 9.57 9.36
C PHE A 137 -1.64 9.70 10.52
N ALA A 138 -2.37 8.64 10.86
CA ALA A 138 -3.46 8.75 11.82
C ALA A 138 -2.96 8.96 13.25
N SER A 139 -1.70 8.65 13.51
CA SER A 139 -1.10 8.80 14.83
C SER A 139 0.32 9.31 14.65
N ALA A 140 0.91 9.77 15.75
CA ALA A 140 2.25 10.35 15.71
C ALA A 140 2.95 10.09 17.03
N THR A 141 4.27 10.27 17.03
CA THR A 141 5.12 9.96 18.18
C THR A 141 6.21 11.00 18.31
N CYS A 142 6.43 11.50 19.53
CA CYS A 142 7.55 12.40 19.75
C CYS A 142 8.88 11.66 19.54
N THR A 143 9.77 12.25 18.73
CA THR A 143 11.04 11.60 18.40
C THR A 143 12.02 11.60 19.57
N VAL A 144 11.73 12.37 20.61
CA VAL A 144 12.61 12.46 21.77
C VAL A 144 12.08 11.61 22.91
N CYS A 145 10.87 11.92 23.39
CA CYS A 145 10.36 11.24 24.59
C CYS A 145 9.40 10.09 24.26
N GLN A 146 9.13 9.84 22.98
CA GLN A 146 8.30 8.74 22.48
C GLN A 146 6.84 8.82 22.94
N ARG A 147 6.39 9.95 23.45
CA ARG A 147 4.97 10.05 23.79
C ARG A 147 4.11 10.06 22.51
N PRO A 148 2.93 9.46 22.55
CA PRO A 148 2.05 9.43 21.38
C PRO A 148 1.09 10.61 21.33
N PHE A 149 0.67 10.95 20.11
CA PHE A 149 -0.29 12.03 19.87
C PHE A 149 -1.17 11.67 18.68
N PRO A 150 -2.41 12.14 18.65
CA PRO A 150 -3.27 11.89 17.48
C PRO A 150 -2.73 12.61 16.25
N GLY A 151 -2.95 12.00 15.08
CA GLY A 151 -2.48 12.60 13.84
C GLY A 151 -3.07 13.96 13.53
N GLU A 152 -4.30 14.23 14.00
CA GLU A 152 -4.92 15.54 13.77
C GLU A 152 -4.10 16.68 14.36
N ASP A 153 -3.40 16.44 15.47
CA ASP A 153 -2.59 17.50 16.07
C ASP A 153 -1.46 17.91 15.13
N ILE A 154 -0.82 16.92 14.52
CA ILE A 154 0.25 17.16 13.56
C ILE A 154 -0.30 17.90 12.36
N ARG A 155 -1.44 17.44 11.85
CA ARG A 155 -2.08 18.11 10.71
C ARG A 155 -2.30 19.59 11.01
N ALA A 156 -2.88 19.87 12.18
CA ALA A 156 -3.13 21.25 12.57
C ALA A 156 -1.86 22.10 12.56
N ASP A 157 -0.78 21.59 13.17
CA ASP A 157 0.48 22.35 13.16
C ASP A 157 1.01 22.56 11.75
N VAL A 158 1.02 21.51 10.93
CA VAL A 158 1.63 21.59 9.60
C VAL A 158 0.87 22.58 8.73
N MET A 159 -0.46 22.54 8.75
CA MET A 159 -1.22 23.47 7.95
C MET A 159 -1.06 24.91 8.42
N ALA A 160 -0.63 25.11 9.67
CA ALA A 160 -0.30 26.44 10.18
C ALA A 160 1.17 26.79 9.98
N ASP A 161 1.89 26.03 9.16
CA ASP A 161 3.30 26.28 8.83
C ASP A 161 4.22 26.17 10.03
N ARG A 162 3.97 25.19 10.90
CA ARG A 162 4.83 24.97 12.06
C ARG A 162 5.30 23.53 12.10
N VAL A 163 6.55 23.32 12.49
CA VAL A 163 7.03 21.97 12.77
C VAL A 163 6.35 21.51 14.05
N PRO A 164 5.67 20.36 14.05
CA PRO A 164 5.03 19.89 15.28
C PRO A 164 6.07 19.59 16.35
N ARG A 165 5.88 20.18 17.53
CA ARG A 165 6.78 19.96 18.65
C ARG A 165 6.00 19.47 19.86
N CYS A 166 6.66 18.62 20.63
CA CYS A 166 6.01 17.94 21.75
C CYS A 166 5.70 18.92 22.87
N PRO A 167 4.47 18.91 23.41
CA PRO A 167 4.14 19.82 24.52
C PRO A 167 4.85 19.46 25.81
N VAL A 168 5.39 18.26 25.94
CA VAL A 168 6.09 17.88 27.17
C VAL A 168 7.58 18.25 27.10
N CYS A 169 8.27 17.82 26.03
CA CYS A 169 9.71 17.97 25.97
C CYS A 169 10.22 18.87 24.85
N THR A 170 9.34 19.33 23.96
CA THR A 170 9.61 20.20 22.80
C THR A 170 10.32 19.47 21.66
N GLY A 171 10.48 18.16 21.74
CA GLY A 171 11.05 17.43 20.62
C GLY A 171 10.14 17.44 19.40
N VAL A 172 10.73 17.21 18.23
CA VAL A 172 9.94 17.14 17.00
C VAL A 172 9.04 15.91 17.05
N VAL A 173 7.77 16.09 16.70
CA VAL A 173 6.81 14.98 16.67
C VAL A 173 6.63 14.52 15.23
N LYS A 174 6.78 13.23 15.00
CA LYS A 174 6.75 12.65 13.66
C LYS A 174 5.50 11.80 13.47
N PRO A 175 4.84 11.87 12.32
CA PRO A 175 3.75 10.92 12.04
C PRO A 175 4.27 9.49 12.07
N ASP A 176 3.37 8.55 12.39
CA ASP A 176 3.77 7.15 12.55
C ASP A 176 3.89 6.45 11.21
N ILE A 177 4.56 7.09 10.28
CA ILE A 177 4.93 6.52 9.00
C ILE A 177 6.31 5.89 9.14
N VAL A 178 6.55 4.81 8.42
CA VAL A 178 7.84 4.11 8.45
C VAL A 178 8.73 4.78 7.41
N PHE A 179 9.69 5.60 7.87
CA PHE A 179 10.68 6.15 6.94
C PHE A 179 11.66 5.05 6.52
N PHE A 180 12.41 5.30 5.43
CA PHE A 180 13.57 4.45 5.17
C PHE A 180 14.50 4.49 6.37
N GLY A 181 14.94 3.31 6.83
CA GLY A 181 15.80 3.22 7.99
C GLY A 181 15.08 3.04 9.30
N GLU A 182 13.76 2.90 9.28
CA GLU A 182 12.90 2.80 10.45
C GLU A 182 12.29 1.39 10.54
N PRO A 183 12.03 0.89 11.75
CA PRO A 183 11.42 -0.44 11.87
C PRO A 183 9.97 -0.47 11.39
N LEU A 184 9.59 -1.59 10.78
CA LEU A 184 8.20 -1.81 10.41
C LEU A 184 7.35 -2.16 11.63
N PRO A 185 6.02 -2.04 11.53
CA PRO A 185 5.15 -2.37 12.69
C PRO A 185 5.11 -3.87 12.96
N GLN A 186 4.78 -4.19 14.23
CA GLN A 186 4.75 -5.59 14.66
C GLN A 186 3.79 -6.43 13.81
N ARG A 187 2.65 -5.87 13.39
CA ARG A 187 1.65 -6.60 12.61
CA ARG A 187 1.71 -6.70 12.66
C ARG A 187 2.19 -7.06 11.26
N PHE A 188 3.28 -6.46 10.77
CA PHE A 188 3.89 -6.96 9.54
C PHE A 188 4.23 -8.44 9.68
N LEU A 189 4.56 -8.89 10.89
CA LEU A 189 4.93 -10.29 11.11
C LEU A 189 3.78 -11.26 10.93
N LEU A 190 2.54 -10.77 10.79
CA LEU A 190 1.49 -11.68 10.34
C LEU A 190 1.85 -12.39 9.04
N HIS A 191 2.77 -11.82 8.24
CA HIS A 191 3.09 -12.49 6.98
C HIS A 191 3.60 -13.90 7.22
N VAL A 192 4.23 -14.15 8.38
CA VAL A 192 4.80 -15.46 8.69
C VAL A 192 3.75 -16.56 8.60
N VAL A 193 2.51 -16.27 9.00
CA VAL A 193 1.50 -17.31 8.89
C VAL A 193 0.63 -17.07 7.66
N ASP A 194 0.49 -15.81 7.23
CA ASP A 194 -0.51 -15.55 6.18
C ASP A 194 -0.06 -16.14 4.86
N PHE A 195 1.20 -15.93 4.50
CA PHE A 195 1.57 -16.23 3.12
C PHE A 195 1.67 -17.72 2.83
N PRO A 196 2.21 -18.57 3.73
CA PRO A 196 2.25 -20.00 3.41
C PRO A 196 0.89 -20.66 3.30
N MET A 197 -0.17 -20.05 3.84
CA MET A 197 -1.47 -20.68 3.67
C MET A 197 -2.36 -20.01 2.65
N ALA A 198 -1.99 -18.82 2.15
CA ALA A 198 -2.75 -18.23 1.06
C ALA A 198 -2.85 -19.17 -0.13
N ASP A 199 -3.99 -19.15 -0.83
CA ASP A 199 -4.08 -19.96 -2.05
C ASP A 199 -4.15 -19.11 -3.32
N LEU A 200 -4.03 -17.79 -3.20
CA LEU A 200 -3.91 -16.88 -4.33
C LEU A 200 -3.24 -15.62 -3.82
N LEU A 201 -2.25 -15.12 -4.57
CA LEU A 201 -1.63 -13.82 -4.27
C LEU A 201 -1.99 -12.83 -5.36
N LEU A 202 -2.54 -11.68 -4.97
CA LEU A 202 -2.80 -10.57 -5.88
CA LEU A 202 -2.82 -10.57 -5.87
C LEU A 202 -1.85 -9.43 -5.58
N ILE A 203 -1.17 -8.92 -6.60
CA ILE A 203 -0.22 -7.83 -6.49
C ILE A 203 -0.69 -6.70 -7.39
N LEU A 204 -0.96 -5.52 -6.81
CA LEU A 204 -1.53 -4.42 -7.59
C LEU A 204 -0.72 -3.14 -7.39
N GLY A 205 -0.31 -2.51 -8.48
CA GLY A 205 0.18 -1.15 -8.41
C GLY A 205 1.40 -0.92 -7.55
N THR A 206 2.42 -1.76 -7.68
CA THR A 206 3.64 -1.53 -6.93
C THR A 206 4.84 -1.92 -7.77
N SER A 207 5.96 -1.21 -7.52
CA SER A 207 7.21 -1.51 -8.22
C SER A 207 8.01 -2.61 -7.54
N LEU A 208 7.60 -3.05 -6.34
CA LEU A 208 8.32 -4.09 -5.62
C LEU A 208 9.81 -3.75 -5.48
N GLU A 209 10.10 -2.48 -5.16
CA GLU A 209 11.47 -1.99 -5.01
C GLU A 209 11.88 -1.80 -3.55
N VAL A 210 10.94 -1.78 -2.61
CA VAL A 210 11.23 -1.51 -1.21
C VAL A 210 11.16 -2.80 -0.42
N GLU A 211 12.09 -2.97 0.52
CA GLU A 211 12.23 -4.21 1.29
C GLU A 211 12.03 -3.91 2.78
N PRO A 212 11.58 -4.90 3.56
CA PRO A 212 11.31 -6.29 3.16
C PRO A 212 9.92 -6.53 2.54
N PHE A 213 9.13 -5.49 2.27
CA PHE A 213 7.78 -5.70 1.73
C PHE A 213 7.82 -6.55 0.45
N ALA A 214 8.73 -6.21 -0.48
CA ALA A 214 8.75 -6.91 -1.78
C ALA A 214 9.04 -8.41 -1.62
N SER A 215 9.87 -8.78 -0.64
CA SER A 215 10.25 -10.19 -0.44
C SER A 215 9.05 -11.08 -0.17
N LEU A 216 7.93 -10.49 0.28
CA LEU A 216 6.72 -11.26 0.53
C LEU A 216 6.20 -11.95 -0.73
N THR A 217 6.48 -11.41 -1.92
CA THR A 217 5.97 -12.09 -3.11
C THR A 217 6.48 -13.52 -3.25
N GLU A 218 7.64 -13.84 -2.64
CA GLU A 218 8.18 -15.18 -2.77
C GLU A 218 7.76 -16.10 -1.62
N ALA A 219 6.99 -15.56 -0.67
CA ALA A 219 6.59 -16.32 0.51
C ALA A 219 5.40 -17.23 0.26
N VAL A 220 4.63 -17.04 -0.80
CA VAL A 220 3.58 -17.99 -1.11
C VAL A 220 4.18 -19.28 -1.68
N ARG A 221 3.43 -20.37 -1.56
CA ARG A 221 3.87 -21.65 -2.11
C ARG A 221 3.99 -21.58 -3.63
N SER A 222 4.86 -22.44 -4.18
CA SER A 222 5.07 -22.49 -5.63
CA SER A 222 5.06 -22.48 -5.63
C SER A 222 3.81 -22.94 -6.37
N SER A 223 2.93 -23.69 -5.71
CA SER A 223 1.69 -24.13 -6.34
C SER A 223 0.65 -23.02 -6.47
N VAL A 224 0.89 -21.85 -5.85
CA VAL A 224 -0.11 -20.80 -5.73
C VAL A 224 0.05 -19.77 -6.85
N PRO A 225 -1.00 -19.43 -7.58
CA PRO A 225 -0.89 -18.39 -8.61
C PRO A 225 -0.60 -17.02 -7.99
N ARG A 226 0.24 -16.25 -8.70
CA ARG A 226 0.52 -14.85 -8.36
C ARG A 226 0.03 -14.00 -9.53
N LEU A 227 -0.98 -13.18 -9.29
CA LEU A 227 -1.60 -12.34 -10.32
C LEU A 227 -1.16 -10.91 -10.12
N LEU A 228 -0.42 -10.37 -11.09
CA LEU A 228 0.04 -8.99 -11.08
C LEU A 228 -0.88 -8.14 -11.96
N ILE A 229 -1.46 -7.07 -11.39
CA ILE A 229 -2.16 -6.06 -12.19
C ILE A 229 -1.38 -4.76 -12.02
N ASN A 230 -0.72 -4.32 -13.09
CA ASN A 230 0.30 -3.27 -13.00
C ASN A 230 0.58 -2.81 -14.42
N ARG A 231 1.12 -1.59 -14.55
CA ARG A 231 1.45 -1.10 -15.89
C ARG A 231 2.47 -2.00 -16.58
N ASP A 232 3.42 -2.59 -15.82
CA ASP A 232 4.43 -3.44 -16.44
C ASP A 232 4.88 -4.49 -15.42
N LEU A 233 5.62 -5.48 -15.91
CA LEU A 233 6.20 -6.51 -15.04
C LEU A 233 7.25 -5.89 -14.12
N VAL A 234 7.25 -6.34 -12.85
CA VAL A 234 8.10 -5.76 -11.81
C VAL A 234 8.63 -6.88 -10.91
N GLY A 235 9.81 -6.64 -10.32
CA GLY A 235 10.37 -7.51 -9.31
C GLY A 235 10.62 -8.94 -9.74
N PRO A 236 10.32 -9.89 -8.83
CA PRO A 236 10.53 -11.31 -9.15
C PRO A 236 9.64 -11.78 -10.27
N LEU A 237 8.47 -11.17 -10.41
CA LEU A 237 7.62 -11.48 -11.55
C LEU A 237 8.35 -11.21 -12.86
N ALA A 238 9.27 -10.26 -12.86
CA ALA A 238 10.04 -9.96 -14.07
C ALA A 238 11.25 -10.87 -14.20
N TRP A 239 12.08 -10.98 -13.15
CA TRP A 239 13.33 -11.69 -13.34
C TRP A 239 13.41 -13.04 -12.64
N HIS A 240 12.51 -13.37 -11.73
CA HIS A 240 12.44 -14.72 -11.13
C HIS A 240 11.05 -15.29 -11.29
N PRO A 241 10.53 -15.41 -12.51
CA PRO A 241 9.13 -15.78 -12.68
C PRO A 241 8.88 -17.23 -12.27
N ARG A 242 7.65 -17.51 -11.84
CA ARG A 242 7.21 -18.86 -11.53
C ARG A 242 6.16 -19.31 -12.52
N SER A 243 5.99 -20.63 -12.62
CA SER A 243 5.16 -21.21 -13.67
C SER A 243 3.71 -20.77 -13.58
N ARG A 244 3.20 -20.47 -12.39
CA ARG A 244 1.80 -20.09 -12.22
C ARG A 244 1.60 -18.60 -12.03
N ASP A 245 2.54 -17.78 -12.52
CA ASP A 245 2.36 -16.34 -12.52
C ASP A 245 1.49 -15.90 -13.69
N VAL A 246 0.66 -14.90 -13.43
CA VAL A 246 -0.23 -14.29 -14.41
C VAL A 246 -0.01 -12.78 -14.34
N ALA A 247 0.15 -12.13 -15.49
CA ALA A 247 0.31 -10.69 -15.51
C ALA A 247 -0.75 -10.07 -16.41
N GLN A 248 -1.51 -9.13 -15.85
CA GLN A 248 -2.49 -8.33 -16.58
C GLN A 248 -1.89 -6.93 -16.64
N LEU A 249 -1.14 -6.66 -17.71
CA LEU A 249 -0.34 -5.45 -17.81
C LEU A 249 -1.17 -4.35 -18.45
N GLY A 250 -1.33 -3.26 -17.74
CA GLY A 250 -2.12 -2.14 -18.24
C GLY A 250 -2.58 -1.34 -17.03
N ASP A 251 -3.57 -0.49 -17.27
CA ASP A 251 -4.10 0.32 -16.17
C ASP A 251 -4.76 -0.57 -15.12
N VAL A 252 -4.58 -0.19 -13.84
CA VAL A 252 -5.02 -1.07 -12.76
C VAL A 252 -6.55 -1.09 -12.69
N VAL A 253 -7.21 0.03 -12.96
CA VAL A 253 -8.68 0.04 -12.95
C VAL A 253 -9.21 -0.82 -14.10
N HIS A 254 -8.58 -0.74 -15.28
CA HIS A 254 -9.04 -1.57 -16.39
CA HIS A 254 -9.02 -1.56 -16.41
C HIS A 254 -8.84 -3.05 -16.09
N GLY A 255 -7.70 -3.41 -15.49
CA GLY A 255 -7.46 -4.80 -15.15
C GLY A 255 -8.44 -5.32 -14.12
N VAL A 256 -8.72 -4.51 -13.10
CA VAL A 256 -9.69 -4.92 -12.09
C VAL A 256 -11.08 -5.05 -12.68
N GLU A 257 -11.48 -4.11 -13.56
CA GLU A 257 -12.80 -4.22 -14.16
C GLU A 257 -12.90 -5.46 -15.05
N SER A 258 -11.81 -5.80 -15.73
CA SER A 258 -11.80 -7.02 -16.54
C SER A 258 -11.98 -8.26 -15.66
N LEU A 259 -11.26 -8.30 -14.53
CA LEU A 259 -11.40 -9.44 -13.61
C LEU A 259 -12.82 -9.51 -13.06
N VAL A 260 -13.38 -8.37 -12.65
CA VAL A 260 -14.76 -8.34 -12.15
C VAL A 260 -15.72 -8.92 -13.17
N GLU A 261 -15.58 -8.53 -14.44
CA GLU A 261 -16.46 -9.07 -15.47
C GLU A 261 -16.28 -10.58 -15.62
N LEU A 262 -15.03 -11.06 -15.61
CA LEU A 262 -14.80 -12.50 -15.72
C LEU A 262 -15.37 -13.26 -14.51
N LEU A 263 -15.38 -12.63 -13.34
CA LEU A 263 -15.92 -13.26 -12.14
C LEU A 263 -17.44 -13.26 -12.11
N GLY A 264 -18.07 -12.41 -12.91
CA GLY A 264 -19.51 -12.23 -12.80
C GLY A 264 -19.95 -11.37 -11.65
N TRP A 265 -19.12 -10.40 -11.22
CA TRP A 265 -19.40 -9.61 -10.04
C TRP A 265 -19.84 -8.18 -10.35
N THR A 266 -20.26 -7.90 -11.59
CA THR A 266 -20.53 -6.51 -11.96
C THR A 266 -21.63 -5.91 -11.11
N GLU A 267 -22.69 -6.67 -10.83
CA GLU A 267 -23.79 -6.13 -10.06
C GLU A 267 -23.37 -5.81 -8.64
N GLU A 268 -22.62 -6.73 -8.01
CA GLU A 268 -22.16 -6.47 -6.64
C GLU A 268 -21.23 -5.26 -6.57
N MET A 269 -20.33 -5.13 -7.55
CA MET A 269 -19.45 -3.97 -7.61
C MET A 269 -20.24 -2.67 -7.73
N ARG A 270 -21.19 -2.63 -8.68
CA ARG A 270 -22.01 -1.45 -8.85
C ARG A 270 -22.77 -1.11 -7.58
N ASP A 271 -23.37 -2.11 -6.93
CA ASP A 271 -24.11 -1.86 -5.70
C ASP A 271 -23.20 -1.28 -4.63
N LEU A 272 -22.01 -1.86 -4.47
CA LEU A 272 -21.09 -1.37 -3.45
C LEU A 272 -20.67 0.06 -3.73
N VAL A 273 -20.28 0.34 -4.98
CA VAL A 273 -19.84 1.69 -5.32
C VAL A 273 -20.98 2.69 -5.14
N GLN A 274 -22.20 2.32 -5.54
CA GLN A 274 -23.35 3.19 -5.33
C GLN A 274 -23.53 3.51 -3.85
N ARG A 275 -23.58 2.47 -3.01
CA ARG A 275 -23.72 2.69 -1.57
C ARG A 275 -22.66 3.64 -1.04
N GLU A 276 -21.41 3.44 -1.47
CA GLU A 276 -20.30 4.18 -0.89
C GLU A 276 -20.09 5.55 -1.51
N THR A 277 -20.56 5.78 -2.73
CA THR A 277 -20.45 7.10 -3.34
C THR A 277 -21.83 7.70 -3.57
N GLU B 1 14.17 -7.33 18.20
CA GLU B 1 15.13 -7.94 17.28
C GLU B 1 14.44 -8.54 16.06
N ALA B 2 13.24 -9.08 16.25
CA ALA B 2 12.55 -9.71 15.13
C ALA B 2 11.99 -8.70 14.14
N LEU B 3 11.91 -7.37 14.50
CA LEU B 3 11.28 -6.40 13.60
C LEU B 3 12.30 -5.89 12.59
N PRO B 4 11.97 -5.90 11.30
CA PRO B 4 12.93 -5.47 10.28
C PRO B 4 12.83 -3.98 9.99
N LYS B 5 13.93 -3.44 9.49
CA LYS B 5 13.98 -2.04 9.08
C LYS B 5 13.70 -1.90 7.57
N ALA B 6 13.06 -0.80 7.20
CA ALA B 6 12.70 -0.55 5.77
C ALA B 6 13.94 -0.14 4.99
N THR B 7 14.24 -0.79 3.85
CA THR B 7 15.35 -0.38 3.01
C THR B 7 14.91 -0.27 1.55
N GLY B 8 15.76 0.39 0.74
CA GLY B 8 15.58 0.39 -0.69
C GLY B 8 16.02 -0.91 -1.35
N GLY B 9 16.28 -1.93 -0.54
CA GLY B 9 16.77 -3.20 -1.05
C GLY B 9 17.22 -4.01 0.15
#